data_4KZS
#
_entry.id   4KZS
#
_cell.length_a   73.640
_cell.length_b   101.350
_cell.length_c   121.080
_cell.angle_alpha   90.00
_cell.angle_beta   90.00
_cell.angle_gamma   90.00
#
_symmetry.space_group_name_H-M   'C 2 2 21'
#
loop_
_entity.id
_entity.type
_entity.pdbx_description
1 polymer 'LPP20 lipofamily protein'
2 non-polymer 'PENTAETHYLENE GLYCOL'
3 water water
#
_entity_poly.entity_id   1
_entity_poly.type   'polypeptide(L)'
_entity_poly.pdbx_seq_one_letter_code
;AEPKWYSKAYNKTNTQKGYLYGSGSATSKEASKQKALADLVASISVVVNSQIHIQKSRVDNKLKSSDSQTINLKTDDLEL
NNVEIVNQEVQKGIYYTRVRINQNLFLQGLRDKYNALYGQFSTLMPKVCKGVFLQQSKSMGDLLAKAMPIERILKAYSVP
VGSLENYEKIYYQNAFKPKVQITFDNNSDAEIKAALISAYARVLTPSDEEKLYQIKNEVFTDSANGITRIRVVVSASDCQ
GTPVLNRSLEVDEKNKNFAITRLQSLLYKELKDYANKEGQGNTGL
;
_entity_poly.pdbx_strand_id   A
#
# COMPACT_ATOMS: atom_id res chain seq x y z
N GLN A 16 -6.77 30.03 11.36
CA GLN A 16 -7.64 31.18 10.99
C GLN A 16 -7.28 31.72 9.60
N LYS A 17 -5.96 31.78 9.32
CA LYS A 17 -5.38 32.31 8.07
C LYS A 17 -5.72 31.43 6.87
N GLY A 18 -6.91 31.61 6.30
CA GLY A 18 -7.35 30.77 5.21
C GLY A 18 -8.58 29.89 5.47
N TYR A 19 -9.35 29.72 4.41
CA TYR A 19 -10.49 28.86 4.38
C TYR A 19 -10.68 28.52 2.94
N LEU A 20 -10.74 27.24 2.62
CA LEU A 20 -10.93 26.82 1.23
C LEU A 20 -12.34 26.34 1.02
N TYR A 21 -12.91 26.64 -0.16
CA TYR A 21 -14.30 26.30 -0.45
C TYR A 21 -14.50 25.21 -1.50
N GLY A 22 -15.68 24.59 -1.51
CA GLY A 22 -16.04 23.64 -2.52
C GLY A 22 -17.56 23.60 -2.55
N SER A 23 -18.14 23.21 -3.69
CA SER A 23 -19.61 23.29 -3.84
C SER A 23 -20.07 22.38 -4.98
N GLY A 24 -21.31 21.94 -4.91
CA GLY A 24 -21.73 20.91 -5.82
C GLY A 24 -23.23 20.91 -5.79
N SER A 25 -23.82 20.35 -6.85
CA SER A 25 -25.28 20.28 -7.01
C SER A 25 -25.66 18.98 -7.69
N ALA A 26 -26.75 18.43 -7.22
CA ALA A 26 -27.15 17.08 -7.61
C ALA A 26 -28.63 16.89 -7.35
N THR A 27 -29.19 15.85 -7.97
CA THR A 27 -30.61 15.56 -7.80
C THR A 27 -30.88 14.82 -6.47
N SER A 28 -29.90 14.82 -5.58
CA SER A 28 -30.04 14.26 -4.26
C SER A 28 -29.20 15.01 -3.21
N LYS A 29 -29.71 15.16 -1.99
CA LYS A 29 -29.00 15.90 -0.94
C LYS A 29 -27.64 15.29 -0.67
N GLU A 30 -27.61 13.97 -0.46
CA GLU A 30 -26.38 13.23 -0.25
C GLU A 30 -25.44 13.41 -1.44
N ALA A 31 -25.96 13.21 -2.64
CA ALA A 31 -25.13 13.39 -3.85
C ALA A 31 -24.56 14.81 -3.89
N SER A 32 -25.33 15.75 -3.34
CA SER A 32 -24.87 17.12 -3.35
C SER A 32 -23.65 17.23 -2.46
N LYS A 33 -23.82 16.87 -1.17
CA LYS A 33 -22.71 16.72 -0.22
C LYS A 33 -21.49 16.11 -0.89
N GLN A 34 -21.66 14.94 -1.52
CA GLN A 34 -20.50 14.30 -2.16
C GLN A 34 -19.87 15.13 -3.27
N LYS A 35 -20.68 15.78 -4.12
CA LYS A 35 -20.11 16.54 -5.26
C LYS A 35 -19.34 17.71 -4.61
N ALA A 36 -19.82 18.24 -3.48
CA ALA A 36 -19.19 19.41 -2.89
C ALA A 36 -17.83 19.05 -2.22
N LEU A 37 -17.72 17.92 -1.52
CA LEU A 37 -16.40 17.50 -0.98
C LEU A 37 -15.41 17.27 -2.09
N ALA A 38 -15.83 16.48 -3.08
CA ALA A 38 -14.97 16.19 -4.20
C ALA A 38 -14.44 17.52 -4.66
N ASP A 39 -15.34 18.46 -4.88
CA ASP A 39 -14.93 19.72 -5.44
C ASP A 39 -14.01 20.45 -4.48
N LEU A 40 -14.21 20.22 -3.20
CA LEU A 40 -13.36 20.83 -2.16
C LEU A 40 -11.94 20.21 -2.14
N VAL A 41 -11.85 18.87 -2.21
CA VAL A 41 -10.55 18.23 -2.25
C VAL A 41 -9.83 18.68 -3.48
N ALA A 42 -10.55 18.70 -4.61
CA ALA A 42 -10.01 19.11 -5.93
C ALA A 42 -9.49 20.48 -5.86
N SER A 43 -10.18 21.31 -5.09
CA SER A 43 -9.80 22.70 -5.00
C SER A 43 -8.56 22.86 -4.11
N ILE A 44 -8.49 22.06 -3.03
CA ILE A 44 -7.31 22.08 -2.18
C ILE A 44 -6.10 21.47 -2.91
N SER A 45 -6.28 20.38 -3.67
CA SER A 45 -5.12 19.83 -4.40
C SER A 45 -4.40 20.98 -5.10
N VAL A 46 -5.11 21.73 -5.95
CA VAL A 46 -4.59 22.95 -6.63
C VAL A 46 -3.78 23.88 -5.74
N VAL A 47 -4.41 24.52 -4.77
CA VAL A 47 -3.70 25.38 -3.81
C VAL A 47 -2.43 24.71 -3.26
N VAL A 48 -2.48 23.40 -3.08
CA VAL A 48 -1.38 22.68 -2.48
C VAL A 48 -0.26 22.44 -3.50
N ASN A 49 -0.64 21.88 -4.67
CA ASN A 49 0.34 21.59 -5.71
C ASN A 49 1.11 22.83 -6.11
N SER A 50 0.44 23.97 -6.17
CA SER A 50 1.10 25.22 -6.56
C SER A 50 1.81 25.89 -5.38
N GLN A 51 1.89 25.19 -4.27
CA GLN A 51 2.54 25.74 -3.08
C GLN A 51 3.87 25.05 -3.00
N ILE A 52 3.91 23.85 -3.55
CA ILE A 52 5.13 23.09 -3.63
C ILE A 52 5.84 23.56 -4.88
N HIS A 53 5.05 23.99 -5.88
CA HIS A 53 5.59 24.53 -7.11
C HIS A 53 6.31 25.87 -6.83
N ILE A 54 5.72 26.72 -6.00
CA ILE A 54 6.35 27.97 -5.59
C ILE A 54 7.28 27.77 -4.39
N GLN A 55 7.92 26.61 -4.35
CA GLN A 55 8.86 26.23 -3.30
C GLN A 55 10.05 25.46 -3.87
N LYS A 56 9.78 24.54 -4.80
CA LYS A 56 10.80 23.67 -5.42
C LYS A 56 11.98 24.46 -5.97
N SER A 57 13.20 24.05 -5.61
CA SER A 57 14.43 24.73 -6.04
C SER A 57 14.86 24.23 -7.42
N ARG A 58 14.58 25.04 -8.44
CA ARG A 58 14.76 24.65 -9.83
C ARG A 58 16.00 25.31 -10.44
N ILE A 71 -0.01 19.92 -10.66
CA ILE A 71 -0.92 19.06 -9.92
C ILE A 71 -0.31 17.65 -9.73
N ASN A 72 0.96 17.62 -9.27
CA ASN A 72 1.72 16.39 -9.01
C ASN A 72 0.97 15.39 -8.11
N LEU A 73 0.51 15.87 -6.96
CA LEU A 73 -0.22 15.02 -6.01
C LEU A 73 -1.66 15.47 -5.96
N LYS A 74 -2.58 14.51 -6.01
CA LYS A 74 -3.98 14.85 -6.02
C LYS A 74 -4.58 14.21 -4.78
N THR A 75 -5.09 15.03 -3.86
CA THR A 75 -5.51 14.53 -2.58
C THR A 75 -6.88 13.88 -2.77
N ASP A 76 -7.36 13.11 -1.80
CA ASP A 76 -8.74 12.65 -1.80
C ASP A 76 -9.29 12.58 -0.35
N ASP A 77 -10.56 12.18 -0.17
CA ASP A 77 -11.23 12.25 1.16
C ASP A 77 -10.43 11.64 2.29
N LEU A 78 -9.78 10.53 2.01
CA LEU A 78 -8.85 9.93 2.93
C LEU A 78 -8.12 11.00 3.72
N GLU A 79 -7.81 12.11 3.04
CA GLU A 79 -6.99 13.20 3.57
C GLU A 79 -7.67 14.20 4.50
N LEU A 80 -8.99 14.18 4.52
CA LEU A 80 -9.77 15.09 5.33
C LEU A 80 -10.54 14.32 6.35
N ASN A 81 -11.34 15.07 7.13
CA ASN A 81 -12.30 14.60 8.16
C ASN A 81 -13.87 14.76 8.35
N ASN A 82 -14.16 15.88 9.00
CA ASN A 82 -15.47 16.40 9.25
C ASN A 82 -15.27 17.97 9.11
N VAL A 83 -15.72 18.50 7.95
CA VAL A 83 -15.49 19.87 7.43
C VAL A 83 -16.82 20.62 7.55
N GLU A 84 -16.85 21.94 7.39
CA GLU A 84 -18.11 22.69 7.58
C GLU A 84 -19.07 22.78 6.38
N ILE A 85 -20.36 22.67 6.65
CA ILE A 85 -21.41 22.92 5.67
C ILE A 85 -21.81 24.41 5.69
N VAL A 86 -21.54 25.13 4.63
CA VAL A 86 -21.84 26.56 4.64
C VAL A 86 -23.15 26.87 3.95
N ASN A 87 -23.59 26.06 2.98
CA ASN A 87 -24.88 26.32 2.37
C ASN A 87 -25.54 25.03 2.02
N GLN A 88 -26.86 25.04 2.11
CA GLN A 88 -27.66 23.95 1.63
C GLN A 88 -29.00 24.49 1.15
N GLU A 89 -29.26 24.33 -0.13
CA GLU A 89 -30.49 24.79 -0.76
C GLU A 89 -30.97 23.62 -1.56
N VAL A 90 -32.27 23.63 -1.83
CA VAL A 90 -32.94 22.62 -2.60
C VAL A 90 -34.10 23.31 -3.27
N GLN A 91 -34.26 23.07 -4.56
CA GLN A 91 -35.33 23.70 -5.26
C GLN A 91 -35.59 22.91 -6.50
N LYS A 92 -36.88 22.69 -6.76
CA LYS A 92 -37.29 21.99 -7.97
C LYS A 92 -36.52 20.68 -8.19
N GLY A 93 -36.10 20.06 -7.09
CA GLY A 93 -35.49 18.75 -7.20
C GLY A 93 -33.98 18.75 -7.17
N ILE A 94 -33.36 19.88 -7.49
CA ILE A 94 -31.92 19.89 -7.36
C ILE A 94 -31.46 20.42 -6.01
N TYR A 95 -30.40 19.79 -5.49
CA TYR A 95 -29.82 20.18 -4.22
C TYR A 95 -28.47 20.83 -4.45
N TYR A 96 -28.12 21.72 -3.53
CA TYR A 96 -26.85 22.41 -3.60
C TYR A 96 -26.28 22.36 -2.21
N THR A 97 -24.96 22.16 -2.14
CA THR A 97 -24.22 22.09 -0.87
C THR A 97 -22.92 22.86 -1.10
N ARG A 98 -22.54 23.66 -0.12
CA ARG A 98 -21.22 24.23 -0.20
C ARG A 98 -20.51 24.00 1.14
N VAL A 99 -19.20 23.72 1.09
CA VAL A 99 -18.45 23.26 2.23
C VAL A 99 -17.17 24.00 2.21
N ARG A 100 -16.54 24.11 3.37
CA ARG A 100 -15.25 24.73 3.48
C ARG A 100 -14.46 24.11 4.61
N ILE A 101 -13.18 24.43 4.65
CA ILE A 101 -12.34 23.93 5.72
C ILE A 101 -11.24 24.89 5.93
N ASN A 102 -10.92 25.07 7.20
CA ASN A 102 -9.82 25.90 7.65
C ASN A 102 -8.48 25.39 7.11
N GLN A 103 -7.71 26.22 6.47
CA GLN A 103 -6.44 25.75 5.96
C GLN A 103 -5.58 25.14 7.03
N ASN A 104 -5.55 25.76 8.20
CA ASN A 104 -4.70 25.22 9.25
C ASN A 104 -5.22 23.89 9.82
N LEU A 105 -6.52 23.79 10.03
CA LEU A 105 -7.09 22.52 10.43
C LEU A 105 -6.87 21.44 9.35
N PHE A 106 -6.79 21.87 8.10
CA PHE A 106 -6.56 20.93 7.07
C PHE A 106 -5.15 20.39 7.23
N LEU A 107 -4.16 21.25 7.46
CA LEU A 107 -2.79 20.77 7.63
C LEU A 107 -2.64 19.92 8.87
N GLN A 108 -3.26 20.31 9.97
CA GLN A 108 -3.15 19.58 11.19
C GLN A 108 -3.67 18.20 10.88
N GLY A 109 -4.75 18.12 10.13
CA GLY A 109 -5.25 16.77 9.78
C GLY A 109 -4.28 15.96 8.93
N LEU A 110 -3.35 16.62 8.21
CA LEU A 110 -2.38 15.89 7.39
C LEU A 110 -1.24 15.43 8.28
N ARG A 111 -0.88 16.28 9.23
CA ARG A 111 0.11 15.97 10.24
C ARG A 111 -0.37 14.72 10.97
N ASP A 112 -1.69 14.63 11.14
CA ASP A 112 -2.20 13.52 11.90
C ASP A 112 -2.20 12.19 11.16
N LYS A 113 -2.63 12.20 9.90
CA LYS A 113 -2.68 11.00 9.07
C LYS A 113 -1.21 10.56 8.85
N TYR A 114 -0.29 11.51 8.76
CA TYR A 114 1.11 11.18 8.70
C TYR A 114 1.58 10.47 9.96
N ASN A 115 1.50 11.14 11.14
CA ASN A 115 1.85 10.52 12.42
C ASN A 115 1.25 9.12 12.58
N ALA A 116 0.06 8.90 12.04
CA ALA A 116 -0.61 7.62 12.16
C ALA A 116 0.07 6.65 11.24
N LEU A 117 0.49 7.12 10.08
CA LEU A 117 1.26 6.26 9.17
C LEU A 117 2.62 5.86 9.78
N TYR A 118 3.31 6.80 10.45
CA TYR A 118 4.66 6.59 11.00
C TYR A 118 4.56 5.49 12.02
N GLY A 119 3.73 5.72 13.01
CA GLY A 119 3.56 4.76 14.08
C GLY A 119 2.77 3.52 13.68
N GLN A 120 2.44 3.39 12.41
CA GLN A 120 1.84 2.14 12.01
C GLN A 120 2.95 1.26 11.44
N PHE A 121 4.08 1.91 11.09
CA PHE A 121 5.15 1.26 10.36
C PHE A 121 5.90 0.47 11.37
N SER A 122 6.19 1.12 12.50
CA SER A 122 6.90 0.49 13.61
C SER A 122 6.26 -0.84 13.98
N THR A 123 4.94 -0.94 13.83
CA THR A 123 4.22 -2.19 14.11
C THR A 123 4.25 -3.20 12.94
N LEU A 124 5.12 -2.94 11.98
CA LEU A 124 5.23 -3.79 10.81
C LEU A 124 6.63 -4.32 10.58
N MET A 125 7.61 -3.76 11.30
CA MET A 125 9.02 -4.11 11.15
C MET A 125 9.39 -5.58 11.44
N PRO A 126 10.71 -5.93 11.44
CA PRO A 126 11.20 -7.28 11.70
C PRO A 126 10.36 -8.13 12.68
N LYS A 127 10.39 -7.78 13.97
CA LYS A 127 9.62 -8.51 15.01
C LYS A 127 10.29 -9.83 15.42
N VAL A 128 9.51 -10.90 15.50
CA VAL A 128 10.00 -12.20 15.99
C VAL A 128 11.12 -12.87 15.17
N CYS A 129 11.36 -12.35 13.97
CA CYS A 129 12.44 -12.83 13.08
C CYS A 129 13.39 -11.68 12.68
N LYS A 130 14.17 -11.92 11.63
CA LYS A 130 14.92 -10.86 10.97
C LYS A 130 14.27 -10.65 9.60
N GLY A 131 13.54 -11.66 9.16
CA GLY A 131 12.89 -11.70 7.84
C GLY A 131 11.42 -11.33 7.86
N VAL A 132 10.90 -10.91 6.71
CA VAL A 132 9.55 -10.34 6.63
C VAL A 132 8.83 -11.22 5.63
N PHE A 133 7.54 -11.00 5.35
CA PHE A 133 6.91 -11.82 4.34
C PHE A 133 5.65 -11.39 3.67
N LEU A 134 5.78 -11.10 2.40
CA LEU A 134 4.71 -10.73 1.50
C LEU A 134 3.87 -9.64 2.15
N GLN A 135 2.60 -9.90 2.43
CA GLN A 135 1.69 -8.89 2.97
C GLN A 135 2.34 -7.91 3.96
N GLN A 136 3.06 -8.40 4.95
CA GLN A 136 3.76 -7.50 5.85
C GLN A 136 4.73 -6.51 5.14
N SER A 137 5.16 -6.89 3.95
CA SER A 137 6.04 -6.09 3.12
C SER A 137 5.21 -5.13 2.24
N LYS A 138 4.23 -5.65 1.50
CA LYS A 138 3.29 -4.82 0.75
C LYS A 138 2.74 -3.70 1.63
N SER A 139 2.45 -4.01 2.88
CA SER A 139 1.91 -3.00 3.75
C SER A 139 2.97 -1.95 3.98
N MET A 140 4.20 -2.35 4.35
CA MET A 140 5.24 -1.32 4.52
C MET A 140 5.40 -0.46 3.27
N GLY A 141 5.33 -1.12 2.11
CA GLY A 141 5.43 -0.38 0.84
C GLY A 141 4.35 0.68 0.72
N ASP A 142 3.11 0.25 0.99
CA ASP A 142 1.98 1.19 0.98
C ASP A 142 2.10 2.42 1.91
N LEU A 143 2.49 2.18 3.18
CA LEU A 143 2.60 3.25 4.13
C LEU A 143 3.56 4.32 3.59
N LEU A 144 4.72 3.84 3.16
CA LEU A 144 5.76 4.69 2.68
C LEU A 144 5.29 5.43 1.44
N ALA A 145 4.48 4.76 0.64
CA ALA A 145 3.89 5.43 -0.51
C ALA A 145 2.81 6.48 -0.15
N LYS A 146 1.98 6.26 0.88
CA LYS A 146 1.01 7.30 1.34
C LYS A 146 1.77 8.44 2.00
N ALA A 147 2.70 8.11 2.89
CA ALA A 147 3.48 9.09 3.67
C ALA A 147 4.28 10.09 2.85
N MET A 148 4.97 9.62 1.81
CA MET A 148 5.87 10.56 1.17
C MET A 148 5.15 11.77 0.56
N PRO A 149 4.08 11.52 -0.20
CA PRO A 149 3.35 12.71 -0.65
C PRO A 149 2.85 13.60 0.51
N ILE A 150 2.24 12.99 1.54
CA ILE A 150 1.70 13.78 2.66
C ILE A 150 2.84 14.59 3.17
N GLU A 151 4.01 13.97 3.24
CA GLU A 151 5.15 14.70 3.84
C GLU A 151 5.66 15.81 2.97
N ARG A 152 5.59 15.60 1.66
CA ARG A 152 6.00 16.64 0.73
C ARG A 152 5.16 17.88 0.99
N ILE A 153 3.84 17.69 1.05
CA ILE A 153 2.95 18.78 1.40
C ILE A 153 3.35 19.46 2.70
N LEU A 154 3.49 18.66 3.77
CA LEU A 154 3.77 19.22 5.10
C LEU A 154 5.03 20.07 5.10
N LYS A 155 6.11 19.56 4.47
CA LYS A 155 7.37 20.33 4.41
C LYS A 155 7.18 21.57 3.60
N ALA A 156 6.41 21.49 2.53
CA ALA A 156 6.10 22.69 1.74
C ALA A 156 5.32 23.75 2.50
N TYR A 157 4.80 23.42 3.68
CA TYR A 157 4.08 24.41 4.50
C TYR A 157 4.82 24.71 5.79
N SER A 158 5.97 24.04 6.00
CA SER A 158 6.83 24.29 7.16
C SER A 158 6.28 23.69 8.44
N VAL A 159 5.67 22.53 8.34
CA VAL A 159 5.29 21.76 9.51
C VAL A 159 6.44 20.79 9.69
N PRO A 160 6.68 20.31 10.92
CA PRO A 160 7.88 19.50 11.18
C PRO A 160 7.92 18.02 10.68
N VAL A 161 8.19 17.09 11.59
CA VAL A 161 8.20 15.61 11.39
C VAL A 161 9.39 15.01 10.61
N GLY A 162 10.16 15.89 9.99
CA GLY A 162 11.53 15.54 9.57
C GLY A 162 11.80 14.34 8.65
N SER A 163 11.67 13.10 9.13
CA SER A 163 12.23 11.98 8.35
C SER A 163 11.63 10.57 8.18
N LEU A 164 11.68 10.13 6.92
CA LEU A 164 11.33 8.76 6.55
C LEU A 164 12.55 7.96 6.14
N GLU A 165 13.62 8.66 5.75
CA GLU A 165 14.88 8.06 5.34
C GLU A 165 15.23 6.79 6.11
N ASN A 166 14.97 6.81 7.40
CA ASN A 166 15.33 5.71 8.23
C ASN A 166 14.48 4.53 7.98
N TYR A 167 13.20 4.79 7.77
CA TYR A 167 12.25 3.75 7.56
C TYR A 167 12.50 3.14 6.21
N GLU A 168 12.80 3.99 5.25
CA GLU A 168 13.11 3.52 3.94
C GLU A 168 14.21 2.47 4.04
N LYS A 169 15.37 2.86 4.55
CA LYS A 169 16.43 1.90 4.87
C LYS A 169 15.86 0.59 5.38
N ILE A 170 15.23 0.62 6.53
CA ILE A 170 14.65 -0.61 7.09
C ILE A 170 13.80 -1.39 6.09
N TYR A 171 13.22 -0.69 5.13
CA TYR A 171 12.34 -1.27 4.10
C TYR A 171 13.15 -1.95 2.99
N TYR A 172 14.11 -1.23 2.41
CA TYR A 172 14.97 -1.80 1.39
C TYR A 172 15.84 -2.91 1.93
N GLN A 173 16.17 -2.87 3.21
CA GLN A 173 17.02 -3.93 3.73
C GLN A 173 16.35 -5.13 4.34
N ASN A 174 15.02 -5.13 4.40
CA ASN A 174 14.34 -6.26 5.02
C ASN A 174 13.08 -6.58 4.28
N ALA A 175 12.49 -5.57 3.64
CA ALA A 175 11.12 -5.70 3.23
C ALA A 175 10.90 -5.64 1.74
N PHE A 176 11.66 -4.84 1.00
CA PHE A 176 11.50 -4.83 -0.45
C PHE A 176 11.96 -6.17 -0.98
N LYS A 177 10.98 -6.91 -1.46
CA LYS A 177 11.05 -8.34 -1.79
C LYS A 177 10.32 -9.27 -0.80
N PRO A 178 11.00 -9.77 0.21
CA PRO A 178 12.39 -9.63 0.49
C PRO A 178 13.03 -11.02 0.44
N LYS A 179 13.97 -11.24 1.36
CA LYS A 179 14.71 -12.48 1.42
C LYS A 179 13.90 -13.49 2.20
N VAL A 180 13.53 -14.58 1.54
CA VAL A 180 13.05 -15.76 2.23
C VAL A 180 13.65 -17.04 1.67
N GLN A 181 14.10 -17.91 2.58
CA GLN A 181 14.64 -19.24 2.22
C GLN A 181 13.61 -20.08 1.47
N ILE A 182 14.05 -20.78 0.42
CA ILE A 182 13.16 -21.60 -0.37
C ILE A 182 13.70 -23.02 -0.45
N THR A 183 13.05 -23.93 0.28
CA THR A 183 13.42 -25.34 0.34
C THR A 183 12.65 -26.18 -0.68
N PHE A 184 13.28 -27.25 -1.13
CA PHE A 184 12.62 -28.28 -1.91
C PHE A 184 12.81 -29.72 -1.34
N ASP A 185 12.16 -30.70 -1.96
CA ASP A 185 12.20 -32.11 -1.54
C ASP A 185 13.41 -32.88 -2.11
N ASN A 186 13.82 -33.92 -1.39
CA ASN A 186 14.96 -34.78 -1.78
C ASN A 186 15.01 -35.17 -3.26
N ASN A 187 13.88 -35.08 -3.95
CA ASN A 187 13.81 -35.42 -5.38
C ASN A 187 13.44 -34.31 -6.37
N SER A 188 12.15 -34.00 -6.44
CA SER A 188 11.63 -32.96 -7.33
C SER A 188 12.38 -32.97 -8.64
N ASP A 189 12.32 -31.84 -9.34
CA ASP A 189 12.96 -31.71 -10.62
C ASP A 189 13.21 -30.26 -10.90
N ALA A 190 14.38 -30.08 -11.50
CA ALA A 190 14.99 -28.81 -11.87
C ALA A 190 14.48 -27.64 -12.70
N GLU A 191 14.03 -27.92 -13.94
CA GLU A 191 13.37 -26.96 -14.85
C GLU A 191 12.19 -26.28 -14.17
N ILE A 192 11.19 -27.09 -13.83
CA ILE A 192 9.99 -26.57 -13.21
C ILE A 192 10.34 -25.98 -11.84
N LYS A 193 11.20 -26.69 -11.09
CA LYS A 193 11.79 -26.14 -9.87
C LYS A 193 12.38 -24.76 -10.23
N ALA A 194 12.99 -24.69 -11.39
CA ALA A 194 13.55 -23.43 -11.85
C ALA A 194 12.40 -22.46 -12.06
N ALA A 195 11.43 -22.88 -12.88
CA ALA A 195 10.18 -22.13 -13.11
C ALA A 195 9.59 -21.55 -11.84
N LEU A 196 9.64 -22.32 -10.79
CA LEU A 196 9.03 -21.91 -9.58
C LEU A 196 9.84 -20.84 -8.92
N ILE A 197 11.12 -21.14 -8.67
CA ILE A 197 12.02 -20.15 -8.07
C ILE A 197 12.01 -18.83 -8.86
N SER A 198 11.93 -18.94 -10.18
CA SER A 198 11.83 -17.82 -11.08
C SER A 198 10.59 -16.99 -10.85
N ALA A 199 9.46 -17.63 -10.53
CA ALA A 199 8.22 -16.91 -10.34
C ALA A 199 8.19 -16.36 -8.90
N TYR A 200 8.51 -17.23 -7.96
CA TYR A 200 8.74 -16.87 -6.60
C TYR A 200 9.61 -15.61 -6.56
N ALA A 201 10.45 -15.40 -7.57
CA ALA A 201 11.47 -14.34 -7.54
C ALA A 201 10.94 -12.96 -7.93
N ARG A 202 9.82 -12.92 -8.64
CA ARG A 202 9.23 -11.63 -9.02
C ARG A 202 8.49 -10.98 -7.84
N VAL A 203 8.65 -11.62 -6.68
CA VAL A 203 7.96 -11.25 -5.46
C VAL A 203 8.88 -11.52 -4.29
N LEU A 204 9.87 -12.39 -4.47
CA LEU A 204 10.73 -12.83 -3.35
C LEU A 204 12.23 -12.82 -3.72
N THR A 205 13.10 -12.91 -2.74
CA THR A 205 14.52 -13.03 -2.98
C THR A 205 15.05 -14.30 -2.32
N PRO A 206 15.12 -15.40 -3.09
CA PRO A 206 15.51 -16.69 -2.47
C PRO A 206 16.75 -16.52 -1.64
N SER A 207 16.69 -16.86 -0.36
CA SER A 207 17.88 -16.68 0.46
C SER A 207 18.21 -17.93 1.19
N ASP A 208 19.39 -17.93 1.83
CA ASP A 208 19.95 -19.12 2.47
C ASP A 208 20.36 -18.77 3.89
N GLU A 209 20.53 -17.47 4.14
CA GLU A 209 20.64 -16.98 5.52
C GLU A 209 19.43 -17.44 6.31
N GLU A 210 19.59 -17.67 7.59
CA GLU A 210 18.47 -18.14 8.40
C GLU A 210 17.98 -17.05 9.33
N LYS A 211 17.05 -17.43 10.21
CA LYS A 211 16.39 -16.49 11.12
C LYS A 211 15.45 -15.60 10.30
N LEU A 212 14.75 -16.24 9.36
CA LEU A 212 13.81 -15.60 8.42
C LEU A 212 12.85 -16.61 7.77
N TYR A 213 11.68 -16.15 7.31
CA TYR A 213 10.59 -17.03 6.83
C TYR A 213 11.05 -18.08 5.83
N GLN A 214 10.55 -19.30 5.98
CA GLN A 214 10.82 -20.35 5.01
C GLN A 214 9.62 -20.72 4.13
N ILE A 215 9.84 -21.36 2.99
CA ILE A 215 8.76 -21.86 2.18
C ILE A 215 9.27 -23.19 1.65
N LYS A 216 8.78 -24.28 2.25
CA LYS A 216 9.03 -25.65 1.80
C LYS A 216 8.21 -25.96 0.55
N ASN A 217 8.68 -26.92 -0.21
CA ASN A 217 8.01 -27.31 -1.43
C ASN A 217 8.16 -28.80 -1.60
N GLU A 218 7.23 -29.35 -2.36
CA GLU A 218 7.24 -30.74 -2.71
C GLU A 218 6.50 -30.55 -4.03
N VAL A 219 7.04 -31.13 -5.10
CA VAL A 219 6.37 -31.10 -6.40
C VAL A 219 6.20 -32.54 -6.76
N PHE A 220 4.96 -32.89 -7.07
CA PHE A 220 4.59 -34.24 -7.49
C PHE A 220 4.57 -34.04 -9.01
N THR A 221 3.62 -33.22 -9.45
CA THR A 221 3.39 -32.78 -10.83
C THR A 221 2.93 -31.31 -10.72
N ASP A 222 2.51 -30.98 -9.50
CA ASP A 222 2.00 -29.70 -9.14
C ASP A 222 2.23 -29.47 -7.65
N SER A 223 2.73 -28.28 -7.29
CA SER A 223 3.39 -28.04 -5.98
C SER A 223 2.53 -28.08 -4.74
N ALA A 224 3.19 -28.02 -3.58
CA ALA A 224 2.63 -28.08 -2.24
C ALA A 224 3.57 -27.26 -1.33
N ASN A 225 3.05 -26.14 -0.82
CA ASN A 225 3.91 -25.07 -0.32
C ASN A 225 3.73 -24.69 1.13
N GLY A 226 4.81 -24.70 1.89
CA GLY A 226 4.83 -24.23 3.29
C GLY A 226 5.52 -22.89 3.61
N ILE A 227 4.92 -22.19 4.59
CA ILE A 227 5.43 -20.96 5.25
C ILE A 227 5.47 -21.18 6.75
N THR A 228 6.43 -20.58 7.42
CA THR A 228 6.70 -20.79 8.81
C THR A 228 7.76 -19.77 8.86
N ARG A 229 8.14 -19.31 10.05
CA ARG A 229 9.22 -18.33 10.21
C ARG A 229 10.15 -18.72 11.37
N ILE A 230 11.12 -17.89 11.75
CA ILE A 230 12.03 -18.23 12.87
C ILE A 230 11.42 -18.38 14.28
N ARG A 231 11.80 -19.45 14.99
CA ARG A 231 11.34 -19.70 16.37
C ARG A 231 10.00 -20.44 16.35
N VAL A 232 9.22 -20.27 15.29
CA VAL A 232 7.90 -20.92 15.18
C VAL A 232 7.65 -21.51 13.79
N VAL A 233 6.69 -22.42 13.69
CA VAL A 233 6.30 -23.03 12.43
C VAL A 233 4.93 -22.49 11.95
N VAL A 234 4.69 -21.21 12.19
CA VAL A 234 3.39 -20.61 11.89
C VAL A 234 3.18 -21.02 10.44
N SER A 235 2.25 -21.96 10.23
CA SER A 235 1.89 -22.39 8.88
C SER A 235 0.95 -21.32 8.29
N ALA A 236 1.46 -20.55 7.33
CA ALA A 236 0.71 -19.51 6.67
C ALA A 236 0.69 -19.78 5.16
N SER A 237 0.37 -21.02 4.77
CA SER A 237 0.51 -21.43 3.36
C SER A 237 -0.36 -22.63 2.87
N ASP A 238 -0.70 -22.59 1.58
CA ASP A 238 -1.62 -23.52 0.94
C ASP A 238 -0.89 -24.08 -0.28
N CYS A 239 -1.53 -25.02 -0.99
CA CYS A 239 -0.95 -26.00 -1.95
C CYS A 239 -1.64 -26.03 -3.33
N GLN A 240 -0.87 -25.83 -4.40
CA GLN A 240 -1.42 -25.57 -5.74
C GLN A 240 -1.21 -26.72 -6.72
N GLY A 241 -2.11 -26.86 -7.70
CA GLY A 241 -2.02 -27.91 -8.74
C GLY A 241 -2.59 -27.48 -10.08
N THR A 242 -2.12 -28.09 -11.17
CA THR A 242 -2.72 -27.96 -12.51
C THR A 242 -2.48 -29.10 -13.53
N PRO A 243 -3.26 -30.20 -13.44
CA PRO A 243 -3.05 -31.33 -14.36
C PRO A 243 -3.36 -30.98 -15.83
N VAL A 244 -2.34 -30.56 -16.55
CA VAL A 244 -2.46 -30.28 -17.99
C VAL A 244 -1.30 -30.95 -18.74
N LEU A 245 -0.50 -31.73 -18.01
CA LEU A 245 0.80 -32.23 -18.48
C LEU A 245 0.98 -32.27 -20.00
N ASN A 246 1.70 -31.27 -20.48
CA ASN A 246 2.04 -31.09 -21.88
C ASN A 246 3.52 -30.73 -21.96
N ARG A 247 4.31 -31.29 -21.04
CA ARG A 247 5.74 -30.97 -20.90
C ARG A 247 5.94 -29.54 -20.43
N SER A 248 7.09 -28.97 -20.80
CA SER A 248 7.44 -27.57 -20.52
C SER A 248 6.29 -26.60 -20.77
N LEU A 249 5.30 -27.02 -21.54
CA LEU A 249 4.14 -26.19 -21.84
C LEU A 249 3.20 -25.99 -20.60
N GLU A 250 3.43 -26.76 -19.53
CA GLU A 250 2.79 -26.52 -18.23
C GLU A 250 3.48 -25.34 -17.52
N VAL A 251 4.03 -24.42 -18.31
CA VAL A 251 4.65 -23.17 -17.81
C VAL A 251 3.73 -22.48 -16.83
N ASP A 252 2.44 -22.82 -16.89
CA ASP A 252 1.39 -22.18 -16.10
C ASP A 252 1.48 -22.37 -14.61
N GLU A 253 2.05 -23.47 -14.11
CA GLU A 253 2.16 -23.57 -12.65
C GLU A 253 2.92 -22.35 -12.14
N LYS A 254 3.67 -21.73 -13.04
CA LYS A 254 4.41 -20.51 -12.77
C LYS A 254 3.49 -19.30 -13.00
N ASN A 255 3.10 -19.12 -14.27
CA ASN A 255 2.20 -18.06 -14.70
C ASN A 255 0.97 -17.92 -13.76
N LYS A 256 0.61 -19.02 -13.14
CA LYS A 256 -0.52 -19.06 -12.24
C LYS A 256 -0.03 -18.88 -10.81
N ASN A 257 1.17 -19.34 -10.52
CA ASN A 257 1.71 -19.18 -9.14
C ASN A 257 1.87 -17.70 -8.75
N PHE A 258 2.36 -16.89 -9.68
CA PHE A 258 2.49 -15.47 -9.42
C PHE A 258 1.13 -15.00 -8.91
N ALA A 259 0.17 -14.96 -9.84
CA ALA A 259 -1.20 -14.48 -9.59
C ALA A 259 -1.77 -14.96 -8.24
N ILE A 260 -1.46 -16.21 -7.87
CA ILE A 260 -1.75 -16.69 -6.53
C ILE A 260 -1.06 -15.84 -5.47
N THR A 261 0.28 -15.81 -5.50
CA THR A 261 1.13 -15.25 -4.41
C THR A 261 0.84 -13.74 -4.34
N ARG A 262 0.63 -13.12 -5.49
CA ARG A 262 0.33 -11.69 -5.51
C ARG A 262 -0.92 -11.41 -4.69
N LEU A 263 -2.06 -11.90 -5.20
CA LEU A 263 -3.36 -11.72 -4.56
C LEU A 263 -3.47 -12.47 -3.22
N GLN A 264 -2.34 -12.73 -2.55
CA GLN A 264 -2.37 -13.23 -1.17
C GLN A 264 -1.84 -12.12 -0.33
N SER A 265 -1.38 -11.06 -0.98
CA SER A 265 -0.99 -9.85 -0.27
C SER A 265 -2.25 -9.15 0.29
N LEU A 266 -3.33 -9.94 0.38
CA LEU A 266 -4.69 -9.52 0.78
C LEU A 266 -5.50 -9.00 -0.40
N LEU A 267 -6.26 -9.91 -1.02
CA LEU A 267 -7.14 -9.62 -2.16
C LEU A 267 -8.02 -10.87 -2.43
N TYR A 268 -8.54 -11.46 -1.35
CA TYR A 268 -9.45 -12.63 -1.38
C TYR A 268 -8.73 -13.98 -1.35
N LYS A 269 -7.60 -13.95 -0.65
CA LYS A 269 -6.78 -15.12 -0.34
C LYS A 269 -6.11 -14.91 1.04
#